data_8JUF
#
_entry.id   8JUF
#
_cell.length_a   77.220
_cell.length_b   77.220
_cell.length_c   62.980
_cell.angle_alpha   90.00
_cell.angle_beta   90.00
_cell.angle_gamma   90.00
#
_symmetry.space_group_name_H-M   'I 4'
#
loop_
_entity.id
_entity.type
_entity.pdbx_description
1 polymer Matrilysin
2 polymer 'Peptide Inhibitor'
3 non-polymer 'CALCIUM ION'
4 non-polymer 'ZINC ION'
5 water water
#
loop_
_entity_poly.entity_id
_entity_poly.type
_entity_poly.pdbx_seq_one_letter_code
_entity_poly.pdbx_strand_id
1 'polypeptide(L)'
;MGYSLFPNSPKWTSKVVTYRIVSYTRDLPHITVDRLVSKALNMWGKEIPLHFRKVVWGTADIMIGFARGAHGDSYPFDGP
GNTLAHAFAPGTGLGGDAHFDEDERWTDGSSLGINFLYAATHQLGHSLGMGHSSDPNAVMYPTYGNGDPQNFKLSQDDIK
GIQKLYGKRSNSRKK
;
A
2 'polypeptide(L)' (7SF)(GGL)G(N9P)(TBG)(EOE)(NH2) B
#
loop_
_chem_comp.id
_chem_comp.type
_chem_comp.name
_chem_comp.formula
7SF non-polymer '4-chloranyl-3-(trifluoromethyl)benzenesulfonic acid' 'C7 H4 Cl F3 O3 S'
CA non-polymer 'CALCIUM ION' 'Ca 2'
GGL L-gamma-peptide, C-delta linking 'GAMMA-L-GLUTAMIC ACID' 'C5 H9 N O4'
NH2 non-polymer 'AMINO GROUP' 'H2 N'
ZN non-polymer 'ZINC ION' 'Zn 2'
#
# COMPACT_ATOMS: atom_id res chain seq x y z
N GLY A 2 -4.18 -16.73 -10.67
CA GLY A 2 -3.69 -16.30 -9.34
C GLY A 2 -3.29 -14.83 -9.49
N TYR A 3 -2.03 -14.56 -9.16
CA TYR A 3 -1.59 -13.11 -9.04
C TYR A 3 -1.52 -12.43 -10.38
N SER A 4 -1.50 -11.09 -10.35
N SER A 4 -1.53 -11.08 -10.34
CA SER A 4 -1.15 -10.33 -11.50
CA SER A 4 -1.25 -10.23 -11.48
C SER A 4 -0.17 -9.21 -11.09
C SER A 4 -0.16 -9.21 -11.09
N LEU A 5 0.56 -8.74 -12.09
CA LEU A 5 1.49 -7.59 -12.00
C LEU A 5 0.81 -6.38 -12.68
N PHE A 6 1.56 -5.36 -13.10
CA PHE A 6 1.05 -4.34 -14.00
C PHE A 6 1.68 -4.56 -15.41
N PRO A 7 1.09 -4.00 -16.48
CA PRO A 7 1.73 -4.14 -17.84
C PRO A 7 3.15 -3.71 -17.91
N ASN A 8 4.05 -4.49 -18.52
CA ASN A 8 5.45 -4.18 -18.57
C ASN A 8 6.23 -4.17 -17.21
N SER A 9 5.57 -4.82 -16.21
CA SER A 9 6.23 -5.12 -14.94
C SER A 9 7.02 -3.98 -14.24
N PRO A 10 6.33 -2.79 -14.05
CA PRO A 10 7.03 -1.76 -13.35
C PRO A 10 7.40 -2.22 -11.95
N LYS A 11 8.57 -1.84 -11.55
CA LYS A 11 9.18 -2.15 -10.27
C LYS A 11 10.16 -1.12 -9.89
N TRP A 12 10.45 -1.06 -8.59
CA TRP A 12 11.51 -0.21 -8.06
C TRP A 12 12.89 -0.87 -8.54
N THR A 13 13.71 0.03 -9.03
CA THR A 13 15.09 -0.24 -9.60
C THR A 13 16.25 -0.15 -8.72
N SER A 14 16.14 0.51 -7.59
N SER A 14 16.15 0.53 -7.59
CA SER A 14 17.17 0.57 -6.54
CA SER A 14 17.16 0.58 -6.52
C SER A 14 16.96 -0.44 -5.46
C SER A 14 16.96 -0.44 -5.46
N LYS A 15 18.02 -0.80 -4.69
CA LYS A 15 17.92 -1.72 -3.58
C LYS A 15 17.27 -1.10 -2.38
N VAL A 16 17.20 0.25 -2.34
CA VAL A 16 16.53 0.98 -1.31
C VAL A 16 15.49 1.92 -1.86
N VAL A 17 14.31 1.82 -1.22
CA VAL A 17 13.17 2.67 -1.53
C VAL A 17 12.79 3.49 -0.29
N THR A 18 12.63 4.79 -0.52
CA THR A 18 12.24 5.67 0.59
C THR A 18 10.75 5.79 0.71
N TYR A 19 10.25 6.06 1.91
CA TYR A 19 8.84 6.30 2.14
C TYR A 19 8.60 7.37 3.21
N ARG A 20 7.45 8.06 3.11
CA ARG A 20 7.09 9.12 4.05
C ARG A 20 5.61 9.05 4.31
N ILE A 21 5.24 9.07 5.62
CA ILE A 21 3.88 9.21 5.98
C ILE A 21 3.64 10.71 6.09
N VAL A 22 2.93 11.23 5.15
CA VAL A 22 2.78 12.70 4.95
C VAL A 22 1.67 13.24 5.74
N SER A 23 0.55 12.50 5.91
CA SER A 23 -0.56 13.01 6.69
C SER A 23 -1.20 11.84 7.46
N TYR A 24 -1.81 12.16 8.60
CA TYR A 24 -2.26 11.19 9.58
C TYR A 24 -3.80 11.18 9.67
N THR A 25 -4.32 10.27 10.51
CA THR A 25 -5.79 10.17 10.70
C THR A 25 -6.12 10.52 12.19
N ARG A 26 -7.26 11.18 12.41
CA ARG A 26 -7.71 11.52 13.77
C ARG A 26 -8.06 10.25 14.58
N ASP A 27 -8.36 9.14 13.87
CA ASP A 27 -8.71 7.90 14.49
C ASP A 27 -7.62 7.22 15.30
N LEU A 28 -6.33 7.47 15.09
CA LEU A 28 -5.26 6.78 15.77
C LEU A 28 -4.15 7.69 16.17
N PRO A 29 -3.36 7.33 17.20
CA PRO A 29 -2.13 8.05 17.47
C PRO A 29 -1.23 8.02 16.18
N HIS A 30 -0.39 9.05 16.05
CA HIS A 30 0.56 9.07 14.91
C HIS A 30 1.52 7.86 14.98
N ILE A 31 2.01 7.50 16.18
CA ILE A 31 3.02 6.44 16.29
C ILE A 31 2.40 5.09 15.88
N THR A 32 1.12 4.92 16.13
CA THR A 32 0.44 3.71 15.77
C THR A 32 0.41 3.54 14.24
N VAL A 33 0.07 4.60 13.56
CA VAL A 33 0.14 4.58 12.03
C VAL A 33 1.56 4.27 11.58
N ASP A 34 2.57 4.93 12.16
CA ASP A 34 3.97 4.70 11.80
C ASP A 34 4.29 3.23 11.95
N ARG A 35 3.90 2.61 13.08
CA ARG A 35 4.32 1.22 13.40
C ARG A 35 3.62 0.20 12.47
N LEU A 36 2.34 0.44 12.21
CA LEU A 36 1.57 -0.40 11.28
C LEU A 36 2.07 -0.30 9.82
N VAL A 37 2.39 0.89 9.37
CA VAL A 37 2.99 1.04 8.00
C VAL A 37 4.25 0.25 7.92
N SER A 38 5.11 0.35 8.92
CA SER A 38 6.36 -0.42 8.89
C SER A 38 6.09 -1.88 8.84
N LYS A 39 5.16 -2.32 9.65
CA LYS A 39 4.82 -3.76 9.71
C LYS A 39 4.31 -4.25 8.30
N ALA A 40 3.47 -3.43 7.64
CA ALA A 40 2.92 -3.76 6.32
C ALA A 40 4.06 -3.86 5.31
N LEU A 41 4.95 -2.87 5.31
CA LEU A 41 6.11 -2.88 4.40
C LEU A 41 6.98 -4.11 4.61
N ASN A 42 7.25 -4.44 5.86
CA ASN A 42 8.08 -5.59 6.18
C ASN A 42 7.48 -6.91 5.81
N MET A 43 6.15 -7.03 5.83
CA MET A 43 5.50 -8.27 5.28
C MET A 43 5.93 -8.59 3.84
N TRP A 44 5.97 -7.59 2.97
CA TRP A 44 6.39 -7.73 1.62
C TRP A 44 7.98 -7.78 1.57
N GLY A 45 8.65 -6.87 2.29
CA GLY A 45 10.11 -6.81 2.27
C GLY A 45 10.82 -8.08 2.68
N LYS A 46 10.28 -8.91 3.57
CA LYS A 46 10.98 -10.08 3.99
C LYS A 46 11.12 -11.11 2.92
N GLU A 47 10.36 -10.98 1.84
CA GLU A 47 10.27 -12.00 0.83
C GLU A 47 11.25 -11.68 -0.30
N ILE A 48 11.76 -10.48 -0.38
CA ILE A 48 12.43 -9.96 -1.58
C ILE A 48 13.69 -9.12 -1.30
N PRO A 49 14.58 -8.94 -2.32
CA PRO A 49 15.75 -8.07 -2.13
C PRO A 49 15.50 -6.55 -2.28
N LEU A 50 14.85 -5.98 -1.26
CA LEU A 50 14.47 -4.57 -1.25
C LEU A 50 14.41 -4.17 0.20
N HIS A 51 14.94 -2.98 0.51
N HIS A 51 14.99 -3.00 0.52
CA HIS A 51 14.88 -2.44 1.86
CA HIS A 51 14.98 -2.36 1.87
C HIS A 51 14.23 -1.03 1.88
C HIS A 51 14.22 -1.02 1.87
N PHE A 52 13.49 -0.73 2.94
CA PHE A 52 12.68 0.50 3.02
C PHE A 52 13.30 1.42 4.03
N ARG A 53 13.45 2.67 3.64
CA ARG A 53 14.03 3.73 4.52
C ARG A 53 13.01 4.82 4.72
N LYS A 54 12.76 5.15 5.99
CA LYS A 54 11.74 6.09 6.35
C LYS A 54 12.31 7.54 6.29
N VAL A 55 11.56 8.50 5.72
CA VAL A 55 11.91 9.93 5.82
C VAL A 55 10.78 10.70 6.39
N VAL A 56 11.11 11.85 7.03
CA VAL A 56 10.12 12.69 7.71
C VAL A 56 9.75 14.03 7.07
N TRP A 57 10.33 14.36 5.95
CA TRP A 57 10.16 15.66 5.30
C TRP A 57 10.38 15.47 3.82
N GLY A 58 9.86 16.39 2.99
CA GLY A 58 10.15 16.38 1.60
C GLY A 58 9.53 15.26 0.81
N THR A 59 10.07 15.03 -0.36
CA THR A 59 9.45 14.00 -1.21
C THR A 59 10.23 12.68 -0.99
N ALA A 60 9.50 11.57 -0.85
CA ALA A 60 10.07 10.26 -0.74
C ALA A 60 9.50 9.48 -2.00
N ASP A 61 10.07 8.28 -2.26
CA ASP A 61 9.55 7.46 -3.40
C ASP A 61 8.04 7.14 -3.15
N ILE A 62 7.77 6.50 -2.03
CA ILE A 62 6.38 6.09 -1.68
C ILE A 62 5.81 7.18 -0.68
N MET A 63 4.95 8.04 -1.20
CA MET A 63 4.22 9.00 -0.35
C MET A 63 2.89 8.41 0.17
N ILE A 64 2.73 8.35 1.45
CA ILE A 64 1.57 7.71 2.10
C ILE A 64 0.77 8.78 2.88
N GLY A 65 -0.54 8.77 2.72
CA GLY A 65 -1.31 9.68 3.59
C GLY A 65 -2.77 9.51 3.48
N PHE A 66 -3.42 10.29 4.39
CA PHE A 66 -4.82 10.38 4.50
C PHE A 66 -5.27 11.75 3.94
N ALA A 67 -6.38 11.68 3.22
CA ALA A 67 -7.00 12.90 2.59
C ALA A 67 -8.50 12.80 2.51
N ARG A 68 -9.17 13.98 2.57
CA ARG A 68 -10.52 14.11 2.27
C ARG A 68 -10.68 14.67 0.87
N GLY A 69 -11.57 14.16 0.06
CA GLY A 69 -11.92 14.79 -1.12
C GLY A 69 -10.82 14.84 -2.19
N ALA A 70 -10.80 15.85 -3.07
CA ALA A 70 -9.67 16.09 -4.01
C ALA A 70 -8.43 16.46 -3.38
N HIS A 71 -7.28 15.80 -3.87
CA HIS A 71 -6.04 15.90 -3.18
C HIS A 71 -4.84 15.81 -4.13
N GLY A 72 -5.10 16.20 -5.35
CA GLY A 72 -4.00 16.50 -6.32
C GLY A 72 -3.74 15.52 -7.40
N ASP A 73 -4.32 14.34 -7.33
CA ASP A 73 -4.33 13.38 -8.46
C ASP A 73 -5.63 13.28 -9.28
N SER A 74 -5.79 12.34 -10.22
CA SER A 74 -7.05 12.20 -11.04
C SER A 74 -8.17 11.42 -10.36
N TYR A 75 -7.98 11.01 -9.10
CA TYR A 75 -8.88 10.10 -8.37
C TYR A 75 -9.32 10.71 -7.07
N PRO A 76 -10.19 11.76 -7.13
CA PRO A 76 -10.53 12.36 -5.86
C PRO A 76 -11.38 11.41 -4.93
N PHE A 77 -11.23 11.52 -3.64
CA PHE A 77 -12.11 10.78 -2.68
C PHE A 77 -13.51 11.42 -2.71
N ASP A 78 -14.41 10.71 -2.04
CA ASP A 78 -15.85 10.70 -2.40
C ASP A 78 -16.72 10.63 -1.13
N GLY A 79 -16.20 11.06 0.00
CA GLY A 79 -16.96 11.07 1.25
C GLY A 79 -17.03 9.72 1.89
N PRO A 80 -17.77 9.63 2.99
CA PRO A 80 -18.05 8.30 3.60
C PRO A 80 -18.54 7.28 2.63
N GLY A 81 -18.05 6.00 2.72
CA GLY A 81 -18.43 4.99 1.81
C GLY A 81 -17.79 4.97 0.45
N ASN A 82 -18.34 4.27 -0.53
CA ASN A 82 -17.80 4.04 -1.89
C ASN A 82 -16.27 3.71 -1.80
N THR A 83 -15.40 4.55 -2.35
N THR A 83 -15.40 4.46 -2.47
CA THR A 83 -13.97 4.20 -2.39
CA THR A 83 -13.96 4.08 -2.44
C THR A 83 -13.33 4.49 -1.05
C THR A 83 -13.34 4.43 -1.09
N LEU A 84 -12.40 3.58 -0.63
CA LEU A 84 -11.83 3.67 0.64
C LEU A 84 -10.38 4.23 0.61
N ALA A 85 -9.70 3.83 -0.47
CA ALA A 85 -8.21 3.98 -0.61
C ALA A 85 -7.81 3.61 -2.03
N HIS A 86 -6.58 4.00 -2.46
CA HIS A 86 -6.08 3.65 -3.78
C HIS A 86 -4.53 3.90 -3.75
N ALA A 87 -3.82 3.26 -4.72
CA ALA A 87 -2.32 3.36 -4.78
C ALA A 87 -1.90 3.18 -6.18
N PHE A 88 -0.63 3.56 -6.49
CA PHE A 88 -0.11 3.59 -7.84
C PHE A 88 1.11 2.69 -8.00
N ALA A 89 1.22 2.12 -9.18
CA ALA A 89 2.41 1.26 -9.49
C ALA A 89 3.70 2.03 -9.41
N PRO A 90 4.84 1.38 -9.19
CA PRO A 90 6.14 2.06 -9.16
C PRO A 90 6.46 2.93 -10.37
N GLY A 91 7.01 4.06 -10.10
CA GLY A 91 7.45 5.02 -11.14
C GLY A 91 7.76 6.34 -10.43
N THR A 92 8.23 7.34 -11.21
CA THR A 92 8.42 8.67 -10.67
C THR A 92 7.08 9.32 -10.28
N GLY A 93 7.24 10.43 -9.55
CA GLY A 93 6.08 11.29 -9.21
C GLY A 93 5.01 10.58 -8.37
N LEU A 94 3.80 10.52 -8.95
CA LEU A 94 2.66 9.81 -8.27
C LEU A 94 2.95 8.29 -8.14
N GLY A 95 3.86 7.76 -8.96
CA GLY A 95 4.14 6.29 -8.86
C GLY A 95 4.56 5.88 -7.45
N GLY A 96 4.04 4.75 -6.97
CA GLY A 96 4.28 4.30 -5.64
C GLY A 96 3.41 4.85 -4.48
N ASP A 97 2.75 5.95 -4.74
CA ASP A 97 2.07 6.64 -3.64
C ASP A 97 0.80 5.81 -3.23
N ALA A 98 0.38 6.01 -1.98
CA ALA A 98 -0.76 5.31 -1.34
C ALA A 98 -1.62 6.31 -0.53
N HIS A 99 -2.88 6.34 -0.89
CA HIS A 99 -3.81 7.37 -0.29
C HIS A 99 -4.98 6.63 0.37
N PHE A 100 -5.41 7.14 1.51
CA PHE A 100 -6.52 6.55 2.32
C PHE A 100 -7.59 7.67 2.51
N ASP A 101 -8.87 7.31 2.35
CA ASP A 101 -9.98 8.31 2.59
C ASP A 101 -10.18 8.56 4.06
N GLU A 102 -9.99 9.80 4.49
CA GLU A 102 -10.21 10.25 5.87
C GLU A 102 -11.69 10.15 6.31
N ASP A 103 -12.60 10.05 5.35
CA ASP A 103 -14.02 10.07 5.72
C ASP A 103 -14.56 8.65 6.01
N GLU A 104 -13.67 7.67 6.15
CA GLU A 104 -14.03 6.33 6.82
C GLU A 104 -13.62 6.28 8.21
N ARG A 105 -13.82 5.09 8.88
CA ARG A 105 -13.29 4.88 10.20
C ARG A 105 -12.21 3.75 10.10
N TRP A 106 -11.06 4.09 10.67
CA TRP A 106 -9.87 3.14 10.65
C TRP A 106 -9.53 2.71 12.04
N THR A 107 -9.10 1.43 12.20
CA THR A 107 -8.75 0.91 13.55
C THR A 107 -7.42 0.14 13.55
N ASP A 108 -6.75 0.15 14.68
CA ASP A 108 -5.63 -0.72 15.00
C ASP A 108 -6.05 -2.13 15.45
N GLY A 109 -7.34 -2.42 15.47
CA GLY A 109 -7.84 -3.69 15.92
C GLY A 109 -8.62 -3.58 17.23
N SER A 110 -8.44 -2.51 17.99
CA SER A 110 -9.14 -2.41 19.28
C SER A 110 -10.50 -1.70 19.30
N SER A 111 -10.96 -1.24 18.14
CA SER A 111 -12.22 -0.48 18.01
C SER A 111 -12.99 -0.91 16.77
N LEU A 112 -14.09 -0.23 16.48
CA LEU A 112 -14.79 -0.40 15.21
C LEU A 112 -13.90 0.22 14.14
N GLY A 113 -14.01 -0.29 12.92
CA GLY A 113 -13.30 0.28 11.74
C GLY A 113 -12.77 -0.73 10.74
N ILE A 114 -12.31 -0.18 9.61
CA ILE A 114 -11.46 -0.90 8.63
C ILE A 114 -10.13 -1.17 9.24
N ASN A 115 -9.68 -2.44 9.17
CA ASN A 115 -8.42 -2.81 9.78
C ASN A 115 -7.26 -2.18 8.89
N PHE A 116 -6.61 -1.25 9.56
CA PHE A 116 -5.62 -0.39 8.83
C PHE A 116 -4.43 -1.28 8.39
N LEU A 117 -4.06 -2.24 9.22
CA LEU A 117 -2.87 -3.07 8.84
C LEU A 117 -3.17 -3.81 7.53
N TYR A 118 -4.30 -4.48 7.44
CA TYR A 118 -4.75 -5.11 6.24
C TYR A 118 -4.82 -4.21 5.02
N ALA A 119 -5.49 -3.06 5.21
CA ALA A 119 -5.59 -2.08 4.17
C ALA A 119 -4.24 -1.57 3.63
N ALA A 120 -3.38 -1.27 4.56
CA ALA A 120 -2.05 -0.76 4.16
C ALA A 120 -1.32 -1.89 3.47
N THR A 121 -1.42 -3.15 3.94
CA THR A 121 -0.65 -4.21 3.21
C THR A 121 -1.15 -4.37 1.70
N HIS A 122 -2.45 -4.26 1.49
CA HIS A 122 -3.03 -4.32 0.19
C HIS A 122 -2.55 -3.13 -0.68
N GLN A 123 -2.69 -1.91 -0.15
CA GLN A 123 -2.31 -0.73 -0.92
C GLN A 123 -0.81 -0.72 -1.22
N LEU A 124 0.00 -1.07 -0.24
CA LEU A 124 1.47 -1.03 -0.46
C LEU A 124 1.86 -2.19 -1.39
N GLY A 125 1.07 -3.25 -1.49
CA GLY A 125 1.31 -4.25 -2.58
C GLY A 125 1.23 -3.64 -3.96
N HIS A 126 0.24 -2.78 -4.19
CA HIS A 126 0.15 -1.99 -5.43
C HIS A 126 1.41 -1.07 -5.61
N SER A 127 1.79 -0.37 -4.49
CA SER A 127 2.95 0.51 -4.56
C SER A 127 4.26 -0.18 -4.92
N LEU A 128 4.35 -1.49 -4.69
CA LEU A 128 5.52 -2.28 -5.07
C LEU A 128 5.34 -2.99 -6.50
N GLY A 129 4.16 -2.93 -7.09
CA GLY A 129 3.97 -3.48 -8.45
C GLY A 129 3.02 -4.66 -8.49
N MET A 130 2.27 -5.01 -7.44
CA MET A 130 1.27 -6.08 -7.49
C MET A 130 -0.03 -5.57 -8.02
N GLY A 131 -0.70 -6.30 -8.95
CA GLY A 131 -2.11 -6.10 -9.25
C GLY A 131 -2.95 -6.99 -8.46
N HIS A 132 -4.22 -7.16 -8.93
CA HIS A 132 -5.18 -7.94 -8.20
C HIS A 132 -5.11 -9.50 -8.57
N SER A 133 -5.37 -10.28 -7.57
CA SER A 133 -5.34 -11.76 -7.68
C SER A 133 -6.76 -12.36 -7.87
N SER A 134 -6.81 -13.51 -8.61
CA SER A 134 -8.07 -14.34 -8.67
C SER A 134 -8.22 -15.31 -7.52
N ASP A 135 -7.25 -15.38 -6.66
CA ASP A 135 -7.28 -16.27 -5.51
C ASP A 135 -7.88 -15.56 -4.28
N PRO A 136 -9.08 -16.00 -3.79
CA PRO A 136 -9.72 -15.40 -2.63
C PRO A 136 -8.91 -15.32 -1.34
N ASN A 137 -7.92 -16.20 -1.18
CA ASN A 137 -7.14 -16.14 0.06
C ASN A 137 -6.03 -15.02 0.09
N ALA A 138 -5.82 -14.43 -1.07
CA ALA A 138 -4.70 -13.44 -1.27
C ALA A 138 -5.05 -12.07 -0.68
N VAL A 139 -4.02 -11.42 -0.07
CA VAL A 139 -4.19 -10.04 0.37
C VAL A 139 -4.57 -9.14 -0.84
N MET A 140 -4.08 -9.47 -2.04
CA MET A 140 -4.32 -8.74 -3.26
C MET A 140 -5.63 -9.08 -4.01
N TYR A 141 -6.46 -9.93 -3.39
CA TYR A 141 -7.83 -10.12 -3.94
C TYR A 141 -8.51 -8.73 -4.06
N PRO A 142 -9.41 -8.54 -5.07
CA PRO A 142 -9.85 -7.14 -5.27
C PRO A 142 -10.78 -6.57 -4.18
N THR A 143 -11.40 -7.37 -3.30
CA THR A 143 -12.31 -6.88 -2.29
C THR A 143 -11.85 -7.15 -0.89
N TYR A 144 -12.15 -6.20 -0.01
CA TYR A 144 -11.84 -6.28 1.40
C TYR A 144 -12.81 -7.30 1.93
N GLY A 145 -12.29 -8.24 2.68
CA GLY A 145 -13.17 -9.29 3.21
C GLY A 145 -12.85 -9.76 4.58
N ASN A 151 -6.18 -10.84 12.24
CA ASN A 151 -4.89 -11.47 12.37
C ASN A 151 -4.48 -12.33 11.11
N PHE A 152 -3.49 -11.90 10.31
CA PHE A 152 -3.28 -12.43 8.96
C PHE A 152 -1.83 -12.51 8.46
N LYS A 153 -1.67 -13.12 7.32
CA LYS A 153 -0.34 -13.22 6.68
C LYS A 153 -0.49 -13.09 5.17
N LEU A 154 0.65 -12.91 4.47
CA LEU A 154 0.62 -13.04 3.04
C LEU A 154 0.24 -14.48 2.65
N SER A 155 -0.61 -14.68 1.66
CA SER A 155 -0.84 -16.00 1.05
C SER A 155 0.29 -16.51 0.19
N GLN A 156 0.29 -17.81 -0.11
CA GLN A 156 1.27 -18.29 -1.03
C GLN A 156 1.25 -17.62 -2.42
N ASP A 157 0.04 -17.26 -2.93
CA ASP A 157 -0.05 -16.53 -4.16
C ASP A 157 0.61 -15.12 -4.14
N ASP A 158 0.39 -14.43 -3.02
CA ASP A 158 1.07 -13.09 -2.81
C ASP A 158 2.59 -13.17 -2.84
N ILE A 159 3.14 -14.20 -2.16
CA ILE A 159 4.59 -14.44 -2.11
C ILE A 159 5.15 -14.85 -3.50
N LYS A 160 4.46 -15.77 -4.21
CA LYS A 160 4.85 -16.18 -5.56
C LYS A 160 4.91 -14.96 -6.53
N GLY A 161 3.91 -14.08 -6.41
CA GLY A 161 3.85 -12.93 -7.30
C GLY A 161 4.96 -11.84 -7.08
N ILE A 162 5.18 -11.55 -5.81
CA ILE A 162 6.20 -10.56 -5.42
C ILE A 162 7.60 -11.05 -5.72
N GLN A 163 7.81 -12.35 -5.47
CA GLN A 163 9.08 -12.98 -5.83
C GLN A 163 9.31 -13.15 -7.37
N LYS A 164 8.19 -13.31 -8.14
CA LYS A 164 8.31 -13.30 -9.59
C LYS A 164 8.80 -11.94 -10.10
N LEU A 165 8.36 -10.85 -9.44
CA LEU A 165 8.75 -9.54 -9.86
C LEU A 165 10.11 -9.10 -9.39
N TYR A 166 10.50 -9.44 -8.16
CA TYR A 166 11.77 -8.99 -7.54
C TYR A 166 12.91 -10.04 -7.42
N GLY A 167 12.52 -11.29 -7.55
CA GLY A 167 13.35 -12.42 -7.12
C GLY A 167 13.23 -12.67 -5.62
N LYS A 168 13.95 -13.68 -5.07
CA LYS A 168 13.85 -14.08 -3.65
C LYS A 168 14.92 -13.50 -2.83
N ARG A 169 14.62 -13.19 -1.56
CA ARG A 169 15.64 -12.74 -0.65
C ARG A 169 16.56 -13.95 -0.33
C37 7SF B 1 -10.34 -1.16 -1.99
S34 7SF B 1 -11.09 0.09 -2.92
C43 7SF B 1 -9.78 -0.87 -0.73
C42 7SF B 1 -9.20 -1.81 0.09
C44 7SF B 1 -8.58 -1.38 1.33
F47 7SF B 1 -9.06 -2.07 2.31
F46 7SF B 1 -8.71 -0.10 1.57
F45 7SF B 1 -7.28 -1.58 1.23
C40 7SF B 1 -9.17 -3.08 -0.45
CL1 7SF B 1 -8.44 -4.46 0.45
C39 7SF B 1 -9.69 -3.47 -1.69
C38 7SF B 1 -10.34 -2.49 -2.46
O35 7SF B 1 -11.77 -0.48 -3.95
O1 7SF B 1 -11.59 1.06 -1.99
N GGL B 2 -9.87 0.74 -3.87
CA GGL B 2 -9.27 0.09 -5.03
C GGL B 2 -8.09 -0.85 -4.58
O GGL B 2 -7.42 -0.67 -3.59
CB GGL B 2 -8.63 1.19 -5.90
CG GGL B 2 -7.99 0.71 -7.17
CD GGL B 2 -6.40 0.73 -7.11
OE1 GGL B 2 -5.85 1.46 -6.21
OXT GGL B 2 -7.88 -1.74 -5.36
N GLY B 3 -5.73 -0.05 -7.97
CA GLY B 3 -4.33 -0.08 -8.21
C GLY B 3 -4.12 0.51 -9.59
N N9P B 4 -3.66 1.76 -9.69
CA N9P B 4 -3.57 2.54 -10.91
C N9P B 4 -2.19 2.72 -11.45
O N9P B 4 -1.19 2.76 -10.67
CB N9P B 4 -4.29 4.07 -10.85
CG N9P B 4 -5.69 3.97 -10.17
CD1 N9P B 4 -6.05 4.61 -8.98
CD2 N9P B 4 -6.59 3.13 -10.84
CE1 N9P B 4 -7.32 4.44 -8.42
CE2 N9P B 4 -7.84 2.99 -10.20
NZ N9P B 4 -8.14 3.66 -9.11
N TBG B 5 -2.08 2.80 -12.80
CA TBG B 5 -0.78 3.22 -13.39
CB TBG B 5 -0.61 2.80 -14.89
CG1 TBG B 5 -0.78 1.28 -15.01
CG2 TBG B 5 0.74 3.21 -15.45
CG3 TBG B 5 -1.67 3.58 -15.70
C TBG B 5 -0.69 4.74 -13.17
O TBG B 5 -1.70 5.43 -13.34
C EOE B 6 0.94 8.91 -13.63
CA EOE B 6 0.98 7.33 -13.78
CB EOE B 6 0.60 6.75 -12.46
C05 EOE B 6 1.85 6.89 -11.65
C06 EOE B 6 2.77 5.70 -12.00
C07 EOE B 6 1.70 4.60 -12.38
N EOE B 6 0.48 5.30 -12.73
O EOE B 6 -0.04 9.59 -13.48
N NH2 B 7 2.10 9.53 -13.58
CA CA C . 6.09 8.52 -5.70
CA CA D . -14.94 7.20 0.59
ZN ZN E . -5.05 9.80 -4.48
ZN ZN F . -6.44 -3.05 -4.89
#